data_1UT9
#
_entry.id   1UT9
#
_cell.length_a   74.546
_cell.length_b   75.760
_cell.length_c   137.498
_cell.angle_alpha   90.00
_cell.angle_beta   90.00
_cell.angle_gamma   90.00
#
_symmetry.space_group_name_H-M   'P 21 21 21'
#
loop_
_entity.id
_entity.type
_entity.pdbx_description
1 polymer 'CELLULOSE 1,4-BETA-CELLOBIOSIDASE'
2 water water
#
_entity_poly.entity_id   1
_entity_poly.type   'polypeptide(L)'
_entity_poly.pdbx_seq_one_letter_code
;ILPQPDVRVNQVGYLPEGKKVATVVCNSTQPVKWQLKNAAGVVVLEGYTEPKGLDKDSQDYVHWLDFSDFATEGIGYYFE
LPTVNSPTNYSHPFDIRKDIYTQMKYDALAFFYHKRSGIPIEMPYAGGEQWTRPAGHIGIEPNKGDTNVPTWPQDDEYAG
IPQKNYTKDVTGGWYDAGDHGKYVVNGGIAVWTLMNMYERAKIRGLDNWGPYRDGGMNIPEQNNGYPDILDEARWEIEFF
KKMQVTEKEDPSIAGMVHHKIHDFRWTALGMLPHEDPQPRYLRPVSTAATLNFAATLAQSARLWKDYDPTFAADCLEKAE
IAWQAALKHPDIYAEYTPGSGGPGGGPYNDDYVGDEFYWAACELYVTTGKDEYKNYLMNSPHYLEMPAKMGENGGANGED
NGLWGCFTWGTTQGLGTITLALVENGLPATDIQKARNNIAKAADRWLENIEEQGYRLPIKQAEDERGGYPWGSNSFILNQ
MIVMGYAYDFTGDSKYLDGMFDGISYLLGRNAMDQSYVTGYGERPLQNPHDRFWTPQTSKRFPAPPPGIISGGPNSRFED
PTINAAVKKDTPPQKCFIDHTDSWSTNEITVNWNAPFAWVTAYLDQYTD
;
_entity_poly.pdbx_strand_id   A
#
# COMPACT_ATOMS: atom_id res chain seq x y z
N ILE A 1 -5.41 -26.15 10.58
CA ILE A 1 -4.07 -25.50 10.73
C ILE A 1 -3.00 -26.27 9.97
N LEU A 2 -2.60 -25.71 8.82
CA LEU A 2 -1.55 -26.27 8.00
C LEU A 2 -0.22 -26.23 8.77
N PRO A 3 0.57 -27.30 8.72
CA PRO A 3 1.86 -27.32 9.42
C PRO A 3 2.78 -26.25 8.85
N GLN A 4 3.65 -25.69 9.69
CA GLN A 4 4.69 -24.78 9.21
C GLN A 4 5.92 -25.57 8.80
N PRO A 5 6.24 -25.61 7.50
CA PRO A 5 7.43 -26.32 7.03
C PRO A 5 8.71 -25.66 7.55
N ASP A 6 9.75 -26.46 7.80
CA ASP A 6 11.03 -25.92 8.25
C ASP A 6 11.65 -25.01 7.21
N VAL A 7 11.51 -25.40 5.93
CA VAL A 7 12.07 -24.61 4.85
C VAL A 7 11.02 -23.61 4.37
N ARG A 8 11.23 -22.34 4.70
CA ARG A 8 10.28 -21.27 4.37
C ARG A 8 10.62 -20.66 3.01
N VAL A 9 9.64 -20.70 2.12
CA VAL A 9 9.81 -20.22 0.76
C VAL A 9 8.66 -19.29 0.36
N ASN A 10 8.85 -18.62 -0.77
CA ASN A 10 7.79 -17.95 -1.48
C ASN A 10 6.79 -19.02 -1.92
N GLN A 11 5.58 -18.94 -1.37
CA GLN A 11 4.60 -20.02 -1.51
C GLN A 11 3.96 -20.07 -2.89
N VAL A 12 4.18 -19.05 -3.71
CA VAL A 12 3.79 -19.10 -5.12
C VAL A 12 4.99 -19.60 -5.93
N GLY A 13 6.11 -18.88 -5.84
CA GLY A 13 7.34 -19.33 -6.48
C GLY A 13 8.27 -18.22 -6.90
N TYR A 14 9.06 -18.49 -7.94
CA TYR A 14 10.14 -17.60 -8.36
C TYR A 14 10.20 -17.47 -9.88
N LEU A 15 10.58 -16.28 -10.36
CA LEU A 15 10.97 -16.14 -11.76
C LEU A 15 12.28 -16.92 -11.96
N PRO A 16 12.52 -17.44 -13.16
CA PRO A 16 13.71 -18.25 -13.41
C PRO A 16 15.01 -17.55 -12.99
N GLU A 17 15.15 -16.29 -13.37
CA GLU A 17 16.36 -15.55 -13.04
C GLU A 17 16.17 -14.66 -11.81
N GLY A 18 17.18 -14.63 -10.94
CA GLY A 18 17.13 -13.81 -9.75
C GLY A 18 17.44 -14.56 -8.46
N LYS A 19 17.60 -13.79 -7.39
CA LYS A 19 17.98 -14.29 -6.08
C LYS A 19 16.87 -15.14 -5.52
N LYS A 20 17.21 -16.35 -5.10
CA LYS A 20 16.26 -17.28 -4.50
C LYS A 20 16.87 -17.77 -3.20
N VAL A 21 16.40 -17.24 -2.08
CA VAL A 21 16.88 -17.67 -0.77
C VAL A 21 15.72 -18.02 0.15
N ALA A 22 15.71 -19.28 0.62
CA ALA A 22 14.75 -19.73 1.63
C ALA A 22 15.33 -19.58 3.02
N THR A 23 14.47 -19.37 3.99
CA THR A 23 14.85 -19.39 5.39
C THR A 23 14.41 -20.72 6.01
N VAL A 24 15.37 -21.41 6.62
CA VAL A 24 15.13 -22.71 7.25
C VAL A 24 15.14 -22.57 8.77
N VAL A 25 14.02 -22.87 9.43
CA VAL A 25 14.00 -22.96 10.89
C VAL A 25 14.62 -24.30 11.25
N CYS A 26 15.81 -24.25 11.86
CA CYS A 26 16.58 -25.44 12.17
C CYS A 26 17.56 -25.19 13.33
N ASN A 27 17.48 -26.02 14.35
CA ASN A 27 18.32 -25.90 15.56
C ASN A 27 19.79 -26.28 15.38
N SER A 28 20.11 -27.01 14.32
CA SER A 28 21.48 -27.46 14.09
C SER A 28 22.43 -26.26 13.99
N THR A 29 23.55 -26.33 14.70
CA THR A 29 24.56 -25.28 14.61
C THR A 29 25.42 -25.48 13.36
N GLN A 30 25.45 -26.70 12.85
CA GLN A 30 26.22 -27.01 11.66
C GLN A 30 25.31 -27.00 10.44
N PRO A 31 25.89 -26.84 9.24
CA PRO A 31 25.14 -26.95 7.99
C PRO A 31 24.45 -28.30 7.87
N VAL A 32 23.28 -28.31 7.23
CA VAL A 32 22.55 -29.57 6.97
C VAL A 32 22.29 -29.72 5.48
N LYS A 33 22.26 -30.97 5.03
CA LYS A 33 22.02 -31.26 3.63
C LYS A 33 20.60 -30.87 3.25
N TRP A 34 20.44 -30.32 2.04
CA TRP A 34 19.12 -30.08 1.49
C TRP A 34 19.02 -30.61 0.08
N GLN A 35 17.81 -30.99 -0.31
CA GLN A 35 17.52 -31.50 -1.64
C GLN A 35 16.35 -30.72 -2.21
N LEU A 36 16.48 -30.29 -3.47
CA LEU A 36 15.36 -29.77 -4.23
C LEU A 36 14.83 -30.91 -5.12
N LYS A 37 13.57 -31.25 -4.94
CA LYS A 37 12.92 -32.30 -5.72
C LYS A 37 11.84 -31.70 -6.62
N ASN A 38 11.63 -32.30 -7.78
CA ASN A 38 10.50 -31.94 -8.64
C ASN A 38 9.22 -32.64 -8.14
N ALA A 39 8.10 -32.35 -8.78
CA ALA A 39 6.82 -32.89 -8.35
C ALA A 39 6.81 -34.42 -8.32
N ALA A 40 7.65 -35.05 -9.13
CA ALA A 40 7.72 -36.51 -9.15
C ALA A 40 8.65 -37.10 -8.07
N GLY A 41 9.20 -36.26 -7.20
CA GLY A 41 10.05 -36.74 -6.13
C GLY A 41 11.49 -36.97 -6.53
N VAL A 42 11.85 -36.59 -7.75
CA VAL A 42 13.21 -36.76 -8.25
C VAL A 42 14.07 -35.57 -7.81
N VAL A 43 15.24 -35.86 -7.25
CA VAL A 43 16.16 -34.80 -6.83
C VAL A 43 16.78 -34.10 -8.03
N VAL A 44 16.53 -32.80 -8.17
CA VAL A 44 17.11 -32.00 -9.26
C VAL A 44 18.28 -31.10 -8.84
N LEU A 45 18.52 -30.98 -7.53
CA LEU A 45 19.57 -30.11 -7.04
C LEU A 45 19.77 -30.42 -5.56
N GLU A 46 21.01 -30.31 -5.09
CA GLU A 46 21.29 -30.48 -3.66
C GLU A 46 22.41 -29.55 -3.20
N GLY A 47 22.51 -29.39 -1.89
CA GLY A 47 23.51 -28.52 -1.30
C GLY A 47 23.49 -28.62 0.22
N TYR A 48 24.09 -27.64 0.88
CA TYR A 48 24.06 -27.54 2.33
C TYR A 48 23.58 -26.14 2.74
N THR A 49 22.95 -26.04 3.91
CA THR A 49 22.43 -24.76 4.37
C THR A 49 23.56 -23.88 4.94
N GLU A 50 23.24 -22.63 5.19
CA GLU A 50 24.17 -21.69 5.80
C GLU A 50 23.64 -21.30 7.18
N PRO A 51 24.23 -21.85 8.23
CA PRO A 51 23.76 -21.54 9.58
C PRO A 51 23.84 -20.02 9.79
N LYS A 52 22.71 -19.43 10.15
CA LYS A 52 22.69 -18.11 10.71
C LYS A 52 22.24 -18.45 12.12
N GLY A 53 22.25 -17.53 13.04
CA GLY A 53 21.95 -17.91 14.41
C GLY A 53 20.52 -17.68 14.79
N LEU A 54 20.36 -17.22 16.02
CA LEU A 54 19.10 -16.83 16.57
C LEU A 54 18.70 -15.51 15.92
N ASP A 55 17.62 -15.55 15.14
CA ASP A 55 17.11 -14.34 14.49
C ASP A 55 16.31 -13.48 15.46
N LYS A 56 16.72 -12.24 15.62
CA LYS A 56 16.14 -11.36 16.65
C LYS A 56 14.62 -11.14 16.53
N ASP A 57 14.13 -10.87 15.33
CA ASP A 57 12.72 -10.46 15.16
C ASP A 57 11.75 -11.62 15.34
N SER A 58 12.24 -12.84 15.15
CA SER A 58 11.40 -14.01 15.15
C SER A 58 11.70 -14.94 16.33
N GLN A 59 12.89 -14.78 16.90
CA GLN A 59 13.43 -15.71 17.89
C GLN A 59 13.45 -17.15 17.36
N ASP A 60 13.60 -17.31 16.06
CA ASP A 60 13.83 -18.62 15.46
C ASP A 60 15.32 -18.75 15.20
N TYR A 61 15.85 -19.95 15.41
CA TYR A 61 17.20 -20.28 15.00
C TYR A 61 17.12 -20.70 13.54
N VAL A 62 17.79 -19.96 12.65
CA VAL A 62 17.62 -20.18 11.22
C VAL A 62 18.92 -20.36 10.44
N HIS A 63 18.77 -21.02 9.29
CA HIS A 63 19.79 -21.14 8.27
C HIS A 63 19.22 -20.47 7.01
N TRP A 64 20.11 -20.16 6.08
CA TRP A 64 19.70 -19.74 4.75
C TRP A 64 19.91 -20.88 3.77
N LEU A 65 19.05 -20.94 2.77
CA LEU A 65 19.16 -21.92 1.70
C LEU A 65 19.18 -21.17 0.39
N ASP A 66 20.36 -21.02 -0.19
CA ASP A 66 20.53 -20.27 -1.43
C ASP A 66 20.51 -21.20 -2.63
N PHE A 67 19.52 -21.02 -3.49
CA PHE A 67 19.43 -21.75 -4.75
C PHE A 67 19.23 -20.81 -5.94
N SER A 68 19.82 -19.62 -5.82
CA SER A 68 19.66 -18.54 -6.81
C SER A 68 20.01 -18.94 -8.23
N ASP A 69 21.03 -19.78 -8.38
CA ASP A 69 21.51 -20.21 -9.70
C ASP A 69 20.57 -21.19 -10.41
N PHE A 70 19.69 -21.83 -9.65
CA PHE A 70 18.73 -22.76 -10.26
C PHE A 70 17.64 -21.96 -10.98
N ALA A 71 17.43 -22.28 -12.25
CA ALA A 71 16.53 -21.50 -13.11
C ALA A 71 15.61 -22.36 -13.97
N THR A 72 15.53 -23.66 -13.67
CA THR A 72 14.72 -24.56 -14.48
C THR A 72 13.23 -24.45 -14.15
N GLU A 73 12.45 -24.04 -15.14
CA GLU A 73 11.01 -23.88 -14.96
C GLU A 73 10.35 -25.22 -14.64
N GLY A 74 9.38 -25.19 -13.73
CA GLY A 74 8.71 -26.39 -13.29
C GLY A 74 7.61 -26.06 -12.30
N ILE A 75 6.74 -27.03 -12.08
CA ILE A 75 5.57 -26.86 -11.22
C ILE A 75 5.72 -27.83 -10.06
N GLY A 76 5.49 -27.35 -8.85
CA GLY A 76 5.43 -28.20 -7.69
C GLY A 76 6.77 -28.67 -7.13
N TYR A 77 7.84 -27.89 -7.34
CA TYR A 77 9.09 -28.14 -6.64
C TYR A 77 8.86 -28.13 -5.13
N TYR A 78 9.69 -28.88 -4.40
CA TYR A 78 9.72 -28.81 -2.95
C TYR A 78 11.07 -29.25 -2.38
N PHE A 79 11.47 -28.63 -1.27
CA PHE A 79 12.69 -28.99 -0.58
C PHE A 79 12.45 -30.10 0.44
N GLU A 80 13.46 -30.89 0.68
CA GLU A 80 13.50 -31.82 1.81
C GLU A 80 14.83 -31.68 2.52
N LEU A 81 14.81 -31.83 3.83
CA LEU A 81 16.03 -31.91 4.63
C LEU A 81 16.16 -33.35 5.13
N PRO A 82 16.78 -34.21 4.32
CA PRO A 82 16.79 -35.65 4.60
C PRO A 82 17.38 -36.07 5.96
N THR A 83 18.32 -35.32 6.50
CA THR A 83 18.94 -35.71 7.78
C THR A 83 18.33 -35.01 8.98
N VAL A 84 17.43 -34.05 8.77
CA VAL A 84 16.88 -33.29 9.90
C VAL A 84 15.77 -34.06 10.62
N ASN A 85 15.88 -34.10 11.94
CA ASN A 85 14.92 -34.83 12.78
C ASN A 85 13.74 -33.95 13.18
N SER A 86 12.77 -33.86 12.28
CA SER A 86 11.56 -33.10 12.56
C SER A 86 10.43 -33.59 11.67
N PRO A 87 9.19 -33.37 12.09
CA PRO A 87 8.03 -33.78 11.30
C PRO A 87 7.76 -32.86 10.11
N THR A 88 8.50 -31.75 10.06
CA THR A 88 8.28 -30.74 9.04
C THR A 88 9.55 -30.44 8.25
N ASN A 89 10.32 -31.48 7.95
CA ASN A 89 11.62 -31.31 7.32
C ASN A 89 11.56 -31.13 5.80
N TYR A 90 10.78 -30.14 5.37
CA TYR A 90 10.53 -29.91 3.96
C TYR A 90 10.07 -28.48 3.78
N SER A 91 9.75 -28.09 2.55
CA SER A 91 9.08 -26.84 2.25
C SER A 91 7.73 -27.15 1.60
N HIS A 92 6.86 -26.15 1.53
CA HIS A 92 5.66 -26.21 0.70
C HIS A 92 6.12 -26.33 -0.74
N PRO A 93 5.27 -26.87 -1.61
CA PRO A 93 5.55 -26.85 -3.04
C PRO A 93 5.49 -25.43 -3.62
N PHE A 94 6.35 -25.16 -4.61
CA PHE A 94 6.37 -23.86 -5.27
C PHE A 94 6.74 -24.04 -6.75
N ASP A 95 6.57 -23.00 -7.54
CA ASP A 95 6.85 -23.07 -8.97
C ASP A 95 8.01 -22.19 -9.36
N ILE A 96 8.70 -22.58 -10.42
CA ILE A 96 9.62 -21.67 -11.09
C ILE A 96 9.05 -21.43 -12.48
N ARG A 97 8.59 -20.21 -12.73
CA ARG A 97 7.97 -19.87 -14.00
C ARG A 97 7.92 -18.36 -14.19
N LYS A 98 7.74 -17.93 -15.43
CA LYS A 98 7.82 -16.52 -15.78
C LYS A 98 6.57 -15.73 -15.40
N ASP A 99 5.48 -16.42 -15.11
CA ASP A 99 4.21 -15.75 -14.88
C ASP A 99 3.74 -15.80 -13.42
N ILE A 100 4.70 -15.87 -12.51
CA ILE A 100 4.37 -15.81 -11.09
C ILE A 100 3.45 -14.62 -10.78
N TYR A 101 3.75 -13.45 -11.34
CA TYR A 101 3.06 -12.19 -10.99
C TYR A 101 2.09 -11.66 -12.05
N THR A 102 1.87 -12.44 -13.10
CA THR A 102 1.10 -11.97 -14.25
C THR A 102 -0.37 -11.69 -13.93
N GLN A 103 -1.03 -12.60 -13.23
CA GLN A 103 -2.39 -12.37 -12.80
C GLN A 103 -2.48 -11.57 -11.50
N MET A 104 -1.50 -11.76 -10.62
CA MET A 104 -1.49 -11.07 -9.33
C MET A 104 -1.55 -9.54 -9.50
N LYS A 105 -0.88 -9.00 -10.50
CA LYS A 105 -0.87 -7.56 -10.74
C LYS A 105 -2.28 -7.01 -11.01
N TYR A 106 -3.05 -7.76 -11.78
CA TYR A 106 -4.44 -7.41 -12.08
C TYR A 106 -5.33 -7.56 -10.85
N ASP A 107 -5.14 -8.65 -10.10
CA ASP A 107 -5.87 -8.86 -8.85
C ASP A 107 -5.64 -7.70 -7.88
N ALA A 108 -4.39 -7.30 -7.73
CA ALA A 108 -4.01 -6.16 -6.88
C ALA A 108 -4.79 -4.89 -7.21
N LEU A 109 -4.91 -4.58 -8.49
CA LEU A 109 -5.59 -3.38 -8.95
C LEU A 109 -7.11 -3.50 -8.86
N ALA A 110 -7.63 -4.73 -8.96
CA ALA A 110 -9.07 -4.96 -8.89
C ALA A 110 -9.64 -4.64 -7.51
N PHE A 111 -8.78 -4.65 -6.50
CA PHE A 111 -9.16 -4.21 -5.16
C PHE A 111 -9.88 -2.85 -5.21
N PHE A 112 -9.35 -1.93 -5.99
CA PHE A 112 -9.89 -0.57 -6.06
C PHE A 112 -11.28 -0.53 -6.69
N TYR A 113 -11.50 -1.34 -7.71
CA TYR A 113 -12.84 -1.48 -8.27
C TYR A 113 -13.82 -1.98 -7.20
N HIS A 114 -13.44 -3.05 -6.50
CA HIS A 114 -14.27 -3.61 -5.43
C HIS A 114 -14.58 -2.58 -4.36
N LYS A 115 -13.65 -1.65 -4.12
CA LYS A 115 -13.76 -0.68 -3.04
C LYS A 115 -14.45 0.62 -3.48
N ARG A 116 -14.93 0.67 -4.73
CA ARG A 116 -15.57 1.88 -5.23
C ARG A 116 -16.88 2.15 -4.49
N SER A 117 -17.03 3.40 -4.05
CA SER A 117 -18.29 3.90 -3.55
C SER A 117 -19.03 4.51 -4.74
N GLY A 118 -20.35 4.61 -4.64
CA GLY A 118 -21.14 5.38 -5.59
C GLY A 118 -21.52 4.64 -6.87
N ILE A 119 -21.25 3.33 -6.91
CA ILE A 119 -21.52 2.52 -8.09
C ILE A 119 -21.75 1.06 -7.70
N PRO A 120 -22.69 0.40 -8.37
CA PRO A 120 -22.91 -1.03 -8.13
C PRO A 120 -21.70 -1.85 -8.55
N ILE A 121 -21.40 -2.91 -7.82
CA ILE A 121 -20.32 -3.82 -8.17
C ILE A 121 -20.95 -5.01 -8.89
N GLU A 122 -20.62 -5.17 -10.17
CA GLU A 122 -21.32 -6.11 -11.04
C GLU A 122 -20.39 -7.02 -11.81
N MET A 123 -20.95 -8.10 -12.30
CA MET A 123 -20.28 -8.96 -13.26
C MET A 123 -20.27 -8.22 -14.61
N PRO A 124 -19.28 -8.47 -15.46
CA PRO A 124 -18.17 -9.40 -15.18
C PRO A 124 -17.02 -8.80 -14.38
N TYR A 125 -17.08 -7.50 -14.08
CA TYR A 125 -15.96 -6.78 -13.44
C TYR A 125 -15.63 -7.29 -12.04
N ALA A 126 -16.65 -7.68 -11.28
CA ALA A 126 -16.47 -8.15 -9.91
C ALA A 126 -15.65 -9.43 -9.85
N GLY A 127 -15.62 -10.19 -10.94
CA GLY A 127 -14.82 -11.39 -11.01
C GLY A 127 -15.46 -12.57 -10.34
N GLY A 128 -16.66 -12.39 -9.79
CA GLY A 128 -17.41 -13.49 -9.19
C GLY A 128 -18.70 -12.98 -8.61
N GLU A 129 -19.79 -13.69 -8.88
CA GLU A 129 -21.12 -13.28 -8.45
C GLU A 129 -21.22 -13.02 -6.94
N GLN A 130 -20.43 -13.74 -6.14
CA GLN A 130 -20.44 -13.58 -4.69
C GLN A 130 -19.88 -12.24 -4.18
N TRP A 131 -19.17 -11.52 -5.05
CA TRP A 131 -18.57 -10.23 -4.71
C TRP A 131 -19.39 -9.06 -5.25
N THR A 132 -20.45 -9.41 -5.95
CA THR A 132 -21.40 -8.44 -6.46
C THR A 132 -22.13 -7.76 -5.30
N ARG A 133 -22.55 -6.52 -5.50
CA ARG A 133 -23.27 -5.77 -4.46
C ARG A 133 -23.83 -4.45 -4.96
N PRO A 134 -24.90 -3.99 -4.32
CA PRO A 134 -25.50 -2.69 -4.66
C PRO A 134 -24.55 -1.51 -4.45
N ALA A 135 -24.85 -0.40 -5.10
CA ALA A 135 -24.06 0.82 -4.94
C ALA A 135 -24.03 1.25 -3.47
N GLY A 136 -22.87 1.73 -3.03
CA GLY A 136 -22.71 2.24 -1.70
C GLY A 136 -22.87 3.75 -1.63
N HIS A 137 -23.71 4.18 -0.70
CA HIS A 137 -23.83 5.60 -0.35
C HIS A 137 -24.15 6.52 -1.52
N ILE A 138 -25.27 6.24 -2.18
CA ILE A 138 -25.83 7.15 -3.16
C ILE A 138 -27.15 7.70 -2.66
N GLY A 139 -27.25 7.88 -1.33
CA GLY A 139 -28.39 8.52 -0.71
C GLY A 139 -29.63 7.68 -0.62
N ILE A 140 -29.50 6.37 -0.82
CA ILE A 140 -30.69 5.52 -0.73
C ILE A 140 -30.84 4.95 0.66
N GLU A 141 -31.99 5.26 1.24
CA GLU A 141 -32.31 4.86 2.60
C GLU A 141 -31.86 3.45 2.84
N PRO A 142 -31.21 3.38 4.00
CA PRO A 142 -30.33 2.81 5.02
C PRO A 142 -29.27 3.90 5.08
N ASN A 143 -28.56 4.09 3.97
CA ASN A 143 -27.52 5.11 3.84
C ASN A 143 -28.01 6.53 4.11
N LYS A 144 -27.19 7.30 4.83
CA LYS A 144 -27.45 8.71 5.09
C LYS A 144 -26.47 9.58 4.30
N GLY A 145 -25.94 9.03 3.22
CA GLY A 145 -24.98 9.71 2.37
C GLY A 145 -24.87 8.97 1.05
N ASP A 146 -24.10 9.52 0.10
CA ASP A 146 -23.24 10.69 0.31
C ASP A 146 -23.63 11.86 -0.59
N THR A 147 -24.89 11.90 -1.03
CA THR A 147 -25.37 12.98 -1.88
C THR A 147 -25.58 14.28 -1.13
N ASN A 148 -25.85 14.19 0.16
CA ASN A 148 -26.09 15.38 0.99
C ASN A 148 -25.48 15.22 2.38
N VAL A 149 -24.17 15.41 2.47
CA VAL A 149 -23.46 15.14 3.70
C VAL A 149 -23.16 16.42 4.45
N PRO A 150 -23.75 16.61 5.62
CA PRO A 150 -23.48 17.81 6.41
C PRO A 150 -22.09 17.82 7.03
N THR A 151 -21.60 19.00 7.42
CA THR A 151 -20.36 19.10 8.18
C THR A 151 -20.61 18.55 9.58
N TRP A 152 -19.56 18.06 10.21
CA TRP A 152 -19.63 17.39 11.52
C TRP A 152 -20.43 18.20 12.55
N PRO A 153 -21.28 17.53 13.33
CA PRO A 153 -21.99 18.20 14.43
C PRO A 153 -21.02 18.90 15.37
N GLN A 154 -21.23 20.19 15.59
CA GLN A 154 -20.29 21.01 16.31
C GLN A 154 -20.35 20.72 17.80
N ASP A 155 -21.40 19.99 18.17
CA ASP A 155 -21.63 19.45 19.50
C ASP A 155 -20.65 18.35 19.91
N ASP A 156 -20.12 17.64 18.94
CA ASP A 156 -19.43 16.37 19.22
C ASP A 156 -18.15 16.60 20.00
N GLU A 157 -17.87 15.74 20.97
CA GLU A 157 -16.68 15.92 21.79
C GLU A 157 -15.43 16.07 20.92
N TYR A 158 -15.29 15.18 19.93
CA TYR A 158 -14.12 15.19 19.04
C TYR A 158 -14.46 15.77 17.68
N ALA A 159 -15.24 16.85 17.65
CA ALA A 159 -15.67 17.49 16.40
C ALA A 159 -14.52 18.12 15.64
N GLY A 160 -13.48 18.55 16.35
CA GLY A 160 -12.36 19.23 15.75
C GLY A 160 -12.63 20.72 15.59
N ILE A 161 -11.96 21.37 14.65
CA ILE A 161 -12.09 22.82 14.48
C ILE A 161 -13.51 23.23 14.11
N PRO A 162 -13.92 24.44 14.49
CA PRO A 162 -15.21 24.98 14.05
C PRO A 162 -15.39 24.95 12.52
N GLN A 163 -16.59 24.56 12.11
CA GLN A 163 -16.98 24.53 10.71
C GLN A 163 -18.31 25.25 10.57
N LYS A 164 -18.52 25.83 9.40
CA LYS A 164 -19.84 26.31 9.03
C LYS A 164 -20.76 25.12 8.77
N ASN A 165 -22.06 25.36 8.87
CA ASN A 165 -23.06 24.35 8.59
C ASN A 165 -23.48 24.38 7.13
N TYR A 166 -23.03 23.40 6.37
CA TYR A 166 -23.48 23.19 5.00
C TYR A 166 -23.38 21.70 4.64
N THR A 167 -23.88 21.36 3.46
CA THR A 167 -23.83 19.99 2.97
C THR A 167 -23.15 19.92 1.62
N LYS A 168 -22.66 18.73 1.28
CA LYS A 168 -21.94 18.49 0.04
C LYS A 168 -22.39 17.18 -0.57
N ASP A 169 -22.39 17.12 -1.89
CA ASP A 169 -22.44 15.85 -2.57
C ASP A 169 -21.00 15.37 -2.65
N VAL A 170 -20.65 14.32 -1.91
CA VAL A 170 -19.32 13.72 -2.05
C VAL A 170 -19.37 12.24 -2.43
N THR A 171 -20.30 11.88 -3.32
CA THR A 171 -20.39 10.49 -3.79
C THR A 171 -19.17 10.10 -4.62
N GLY A 172 -18.97 8.80 -4.77
CA GLY A 172 -17.84 8.26 -5.50
C GLY A 172 -16.63 8.03 -4.61
N GLY A 173 -15.46 7.94 -5.22
CA GLY A 173 -14.24 7.63 -4.50
C GLY A 173 -14.19 6.19 -4.03
N TRP A 174 -13.10 5.84 -3.35
CA TRP A 174 -12.93 4.50 -2.80
C TRP A 174 -13.24 4.50 -1.31
N TYR A 175 -13.79 3.39 -0.84
CA TYR A 175 -13.74 3.07 0.57
C TYR A 175 -12.27 2.78 0.88
N ASP A 176 -11.83 3.24 2.04
CA ASP A 176 -10.42 3.30 2.39
C ASP A 176 -9.83 1.94 2.78
N ALA A 177 -10.65 1.14 3.46
CA ALA A 177 -10.16 -0.05 4.10
C ALA A 177 -11.30 -1.05 4.31
N GLY A 178 -11.39 -1.62 5.50
CA GLY A 178 -12.47 -2.52 5.82
C GLY A 178 -13.71 -1.74 6.20
N ASP A 179 -13.59 -0.42 6.24
CA ASP A 179 -14.73 0.44 6.64
C ASP A 179 -15.30 1.21 5.46
N HIS A 180 -16.26 2.07 5.73
CA HIS A 180 -16.96 2.79 4.67
C HIS A 180 -16.60 4.28 4.62
N GLY A 181 -15.45 4.62 5.19
CA GLY A 181 -14.97 5.98 5.16
C GLY A 181 -14.16 6.23 3.90
N LYS A 182 -14.13 7.49 3.49
CA LYS A 182 -13.39 7.93 2.32
C LYS A 182 -12.52 9.09 2.77
N TYR A 183 -11.20 8.95 2.58
CA TYR A 183 -10.24 9.89 3.15
C TYR A 183 -9.28 10.44 2.10
N VAL A 184 -9.07 11.75 2.14
CA VAL A 184 -8.23 12.43 1.17
C VAL A 184 -6.75 12.20 1.49
N VAL A 185 -6.39 12.41 2.75
CA VAL A 185 -5.14 11.88 3.28
C VAL A 185 -5.30 10.34 3.26
N ASN A 186 -4.21 9.65 2.94
CA ASN A 186 -4.22 8.20 2.70
C ASN A 186 -4.74 7.83 1.31
N GLY A 187 -5.92 8.35 0.95
CA GLY A 187 -6.35 8.26 -0.43
C GLY A 187 -5.32 8.90 -1.34
N GLY A 188 -4.64 9.93 -0.84
CA GLY A 188 -3.67 10.69 -1.61
C GLY A 188 -2.50 9.83 -2.05
N ILE A 189 -1.79 9.23 -1.09
CA ILE A 189 -0.67 8.36 -1.44
C ILE A 189 -1.12 7.18 -2.31
N ALA A 190 -2.29 6.63 -2.03
CA ALA A 190 -2.80 5.51 -2.82
C ALA A 190 -2.98 5.88 -4.30
N VAL A 191 -3.70 6.95 -4.57
CA VAL A 191 -3.94 7.37 -5.96
C VAL A 191 -2.65 7.89 -6.62
N TRP A 192 -1.78 8.52 -5.83
CA TRP A 192 -0.48 8.96 -6.35
C TRP A 192 0.32 7.75 -6.83
N THR A 193 0.21 6.66 -6.09
CA THR A 193 0.94 5.43 -6.38
C THR A 193 0.45 4.77 -7.65
N LEU A 194 -0.86 4.76 -7.88
CA LEU A 194 -1.42 4.20 -9.12
C LEU A 194 -1.02 5.06 -10.33
N MET A 195 -1.06 6.37 -10.16
CA MET A 195 -0.69 7.27 -11.24
C MET A 195 0.81 7.24 -11.49
N ASN A 196 1.58 7.02 -10.44
CA ASN A 196 3.04 6.94 -10.59
C ASN A 196 3.48 5.70 -11.36
N MET A 197 2.92 4.53 -11.04
CA MET A 197 3.26 3.34 -11.81
C MET A 197 2.88 3.53 -13.28
N TYR A 198 1.81 4.27 -13.54
CA TYR A 198 1.42 4.55 -14.91
C TYR A 198 2.43 5.49 -15.58
N GLU A 199 2.77 6.57 -14.89
CA GLU A 199 3.72 7.55 -15.43
C GLU A 199 5.07 6.92 -15.75
N ARG A 200 5.56 6.08 -14.83
CA ARG A 200 6.82 5.38 -15.01
C ARG A 200 6.75 4.50 -16.26
N ALA A 201 5.64 3.76 -16.40
CA ALA A 201 5.44 2.88 -17.55
C ALA A 201 5.43 3.65 -18.86
N LYS A 202 4.71 4.78 -18.90
CA LYS A 202 4.69 5.62 -20.08
C LYS A 202 6.10 6.09 -20.45
N ILE A 203 6.83 6.56 -19.46
CA ILE A 203 8.19 7.04 -19.66
C ILE A 203 9.13 5.95 -20.17
N ARG A 204 8.86 4.69 -19.80
CA ARG A 204 9.63 3.54 -20.28
C ARG A 204 8.99 2.85 -21.49
N GLY A 205 8.00 3.49 -22.10
CA GLY A 205 7.36 2.95 -23.29
C GLY A 205 6.53 1.69 -23.05
N LEU A 206 5.98 1.55 -21.84
CA LEU A 206 5.19 0.38 -21.48
C LEU A 206 3.71 0.67 -21.27
N ASP A 207 3.24 1.82 -21.72
CA ASP A 207 1.84 2.17 -21.49
C ASP A 207 0.89 1.44 -22.44
N ASN A 208 1.47 0.69 -23.37
CA ASN A 208 0.71 -0.23 -24.23
C ASN A 208 0.63 -1.64 -23.65
N TRP A 209 1.01 -1.79 -22.39
CA TRP A 209 1.15 -3.10 -21.78
C TRP A 209 0.36 -3.19 -20.46
N GLY A 210 -0.08 -4.40 -20.12
CA GLY A 210 -0.77 -4.66 -18.87
C GLY A 210 -1.94 -3.74 -18.57
N PRO A 211 -2.00 -3.27 -17.32
CA PRO A 211 -3.13 -2.44 -16.87
C PRO A 211 -3.06 -1.00 -17.37
N TYR A 212 -1.94 -0.63 -17.98
CA TYR A 212 -1.68 0.74 -18.39
C TYR A 212 -2.42 1.16 -19.65
N ARG A 213 -3.00 0.20 -20.37
CA ARG A 213 -3.67 0.49 -21.63
C ARG A 213 -5.19 0.46 -21.46
N ASP A 214 -5.88 1.07 -22.42
CA ASP A 214 -7.33 0.96 -22.46
C ASP A 214 -7.67 -0.48 -22.74
N GLY A 215 -8.54 -1.06 -21.90
CA GLY A 215 -8.87 -2.47 -22.01
C GLY A 215 -7.94 -3.38 -21.23
N GLY A 216 -6.97 -2.79 -20.52
CA GLY A 216 -6.02 -3.55 -19.75
C GLY A 216 -6.54 -4.10 -18.43
N MET A 217 -7.68 -3.61 -17.97
CA MET A 217 -8.23 -3.99 -16.67
C MET A 217 -9.70 -4.36 -16.81
N ASN A 218 -10.19 -5.26 -15.94
CA ASN A 218 -11.57 -5.71 -15.98
C ASN A 218 -12.51 -4.75 -15.24
N ILE A 219 -12.68 -3.57 -15.81
CA ILE A 219 -13.47 -2.50 -15.21
C ILE A 219 -14.46 -1.94 -16.25
N PRO A 220 -15.49 -1.23 -15.80
CA PRO A 220 -16.49 -0.66 -16.71
C PRO A 220 -15.92 0.27 -17.79
N GLU A 221 -14.81 0.95 -17.47
CA GLU A 221 -14.21 1.91 -18.39
C GLU A 221 -13.19 1.26 -19.32
N GLN A 222 -13.25 -0.06 -19.47
CA GLN A 222 -12.25 -0.81 -20.22
C GLN A 222 -12.28 -0.61 -21.75
N ASN A 223 -13.26 0.11 -22.28
CA ASN A 223 -13.25 0.44 -23.69
C ASN A 223 -13.69 1.88 -23.95
N ASN A 224 -13.00 2.82 -23.32
CA ASN A 224 -13.40 4.21 -23.40
C ASN A 224 -12.31 5.09 -23.99
N GLY A 225 -11.27 4.47 -24.53
CA GLY A 225 -10.16 5.20 -25.13
C GLY A 225 -9.14 5.77 -24.15
N TYR A 226 -9.31 5.52 -22.85
CA TYR A 226 -8.36 5.99 -21.84
C TYR A 226 -7.67 4.83 -21.15
N PRO A 227 -6.41 5.03 -20.74
CA PRO A 227 -5.69 4.03 -19.94
C PRO A 227 -6.51 3.58 -18.74
N ASP A 228 -6.75 2.28 -18.61
CA ASP A 228 -7.62 1.76 -17.55
C ASP A 228 -7.14 2.12 -16.14
N ILE A 229 -5.84 2.08 -15.91
CA ILE A 229 -5.34 2.45 -14.59
C ILE A 229 -5.60 3.92 -14.27
N LEU A 230 -5.62 4.79 -15.29
CA LEU A 230 -5.99 6.19 -15.07
C LEU A 230 -7.50 6.33 -14.86
N ASP A 231 -8.31 5.47 -15.48
CA ASP A 231 -9.73 5.45 -15.19
C ASP A 231 -9.98 5.15 -13.70
N GLU A 232 -9.25 4.17 -13.16
CA GLU A 232 -9.39 3.83 -11.75
C GLU A 232 -8.90 4.98 -10.88
N ALA A 233 -7.73 5.53 -11.19
CA ALA A 233 -7.24 6.70 -10.46
C ALA A 233 -8.25 7.83 -10.53
N ARG A 234 -8.83 8.05 -11.72
CA ARG A 234 -9.76 9.15 -11.91
C ARG A 234 -10.97 9.03 -10.97
N TRP A 235 -11.39 7.80 -10.67
CA TRP A 235 -12.47 7.57 -9.73
C TRP A 235 -12.22 8.23 -8.36
N GLU A 236 -10.98 8.14 -7.86
CA GLU A 236 -10.63 8.81 -6.60
C GLU A 236 -10.46 10.32 -6.82
N ILE A 237 -9.86 10.72 -7.93
CA ILE A 237 -9.65 12.12 -8.19
C ILE A 237 -10.99 12.88 -8.28
N GLU A 238 -12.02 12.29 -8.89
CA GLU A 238 -13.32 12.95 -9.01
C GLU A 238 -13.91 13.18 -7.63
N PHE A 239 -13.67 12.22 -6.74
CA PHE A 239 -14.10 12.34 -5.35
C PHE A 239 -13.37 13.48 -4.66
N PHE A 240 -12.05 13.52 -4.82
CA PHE A 240 -11.23 14.58 -4.25
C PHE A 240 -11.79 15.96 -4.60
N LYS A 241 -12.13 16.18 -5.88
CA LYS A 241 -12.59 17.52 -6.23
C LYS A 241 -13.90 17.92 -5.55
N LYS A 242 -14.74 16.93 -5.27
CA LYS A 242 -15.97 17.18 -4.51
C LYS A 242 -15.69 17.59 -3.06
N MET A 243 -14.56 17.15 -2.51
CA MET A 243 -14.18 17.46 -1.13
C MET A 243 -13.61 18.88 -0.96
N GLN A 244 -13.34 19.57 -2.05
CA GLN A 244 -12.80 20.94 -1.93
C GLN A 244 -13.90 21.94 -1.57
N VAL A 245 -13.61 22.80 -0.61
CA VAL A 245 -14.54 23.82 -0.15
C VAL A 245 -14.64 24.95 -1.17
N THR A 246 -15.85 25.35 -1.51
CA THR A 246 -16.10 26.43 -2.47
C THR A 246 -16.29 27.77 -1.76
N GLU A 247 -16.22 28.84 -2.53
CA GLU A 247 -16.48 30.19 -2.02
C GLU A 247 -17.86 30.27 -1.37
N LYS A 248 -18.83 29.65 -2.02
CA LYS A 248 -20.21 29.64 -1.54
C LYS A 248 -20.34 28.93 -0.18
N GLU A 249 -19.52 27.91 0.06
CA GLU A 249 -19.58 27.13 1.29
C GLU A 249 -18.96 27.86 2.47
N ASP A 250 -17.76 28.40 2.26
CA ASP A 250 -17.04 29.11 3.32
C ASP A 250 -15.88 29.91 2.71
N PRO A 251 -16.10 31.20 2.47
CA PRO A 251 -15.08 32.03 1.83
C PRO A 251 -13.77 32.06 2.61
N SER A 252 -13.82 31.89 3.93
CA SER A 252 -12.62 31.96 4.76
C SER A 252 -11.60 30.84 4.51
N ILE A 253 -12.08 29.70 4.02
CA ILE A 253 -11.20 28.55 3.75
C ILE A 253 -11.42 27.95 2.38
N ALA A 254 -12.02 28.72 1.46
CA ALA A 254 -12.23 28.28 0.07
C ALA A 254 -10.93 27.75 -0.53
N GLY A 255 -11.02 26.58 -1.17
CA GLY A 255 -9.85 25.94 -1.76
C GLY A 255 -9.21 24.93 -0.85
N MET A 256 -9.48 25.01 0.45
CA MET A 256 -9.02 23.99 1.39
C MET A 256 -9.84 22.71 1.13
N VAL A 257 -9.34 21.56 1.58
CA VAL A 257 -9.98 20.28 1.29
C VAL A 257 -10.35 19.51 2.56
N HIS A 258 -11.60 19.04 2.62
CA HIS A 258 -12.06 18.21 3.73
C HIS A 258 -11.17 16.98 3.90
N HIS A 259 -10.80 16.72 5.14
CA HIS A 259 -9.85 15.67 5.47
C HIS A 259 -10.39 14.31 5.11
N LYS A 260 -11.65 14.07 5.46
CA LYS A 260 -12.29 12.77 5.29
C LYS A 260 -13.80 12.89 5.49
N ILE A 261 -14.53 11.85 5.08
CA ILE A 261 -15.98 11.76 5.28
C ILE A 261 -16.35 10.32 5.63
N HIS A 262 -17.21 10.15 6.63
CA HIS A 262 -17.50 8.82 7.15
C HIS A 262 -18.63 8.84 8.18
N ASP A 263 -18.93 7.66 8.73
CA ASP A 263 -19.94 7.47 9.76
C ASP A 263 -19.70 8.30 11.02
N PHE A 264 -20.79 8.73 11.63
CA PHE A 264 -20.74 9.44 12.90
C PHE A 264 -20.08 8.55 13.96
N ARG A 265 -20.47 7.28 13.97
CA ARG A 265 -19.91 6.30 14.89
C ARG A 265 -19.55 5.02 14.13
N TRP A 266 -18.71 4.18 14.73
CA TRP A 266 -18.23 2.94 14.11
C TRP A 266 -19.31 1.87 14.02
N THR A 267 -19.35 1.16 12.90
CA THR A 267 -20.27 0.03 12.72
C THR A 267 -19.55 -1.29 12.92
N ALA A 268 -20.33 -2.35 13.06
CA ALA A 268 -19.76 -3.69 13.25
C ALA A 268 -19.52 -4.39 11.91
N LEU A 269 -18.69 -5.43 11.91
CA LEU A 269 -18.48 -6.23 10.71
C LEU A 269 -19.77 -6.96 10.30
N GLY A 270 -19.84 -7.39 9.05
CA GLY A 270 -20.99 -8.13 8.56
C GLY A 270 -22.07 -7.22 8.00
N MET A 271 -21.66 -6.31 7.14
CA MET A 271 -22.59 -5.41 6.46
C MET A 271 -21.98 -4.83 5.19
N LEU A 272 -22.81 -4.62 4.18
CA LEU A 272 -22.35 -4.08 2.93
C LEU A 272 -22.55 -2.56 2.93
N PRO A 273 -21.80 -1.85 2.10
CA PRO A 273 -21.88 -0.39 2.07
C PRO A 273 -23.32 0.15 2.00
N HIS A 274 -24.17 -0.48 1.20
CA HIS A 274 -25.55 0.01 1.04
C HIS A 274 -26.41 -0.17 2.29
N GLU A 275 -25.92 -0.95 3.25
CA GLU A 275 -26.65 -1.25 4.49
C GLU A 275 -26.29 -0.29 5.63
N ASP A 276 -25.17 0.39 5.49
CA ASP A 276 -24.65 1.28 6.52
C ASP A 276 -25.69 2.36 6.89
N PRO A 277 -26.21 2.29 8.11
CA PRO A 277 -27.28 3.19 8.56
C PRO A 277 -26.82 4.45 9.25
N GLN A 278 -25.51 4.62 9.45
CA GLN A 278 -25.01 5.74 10.23
C GLN A 278 -25.16 7.07 9.52
N PRO A 279 -25.43 8.13 10.28
CA PRO A 279 -25.33 9.49 9.73
C PRO A 279 -23.93 9.65 9.15
N ARG A 280 -23.83 10.38 8.05
CA ARG A 280 -22.55 10.63 7.40
C ARG A 280 -22.24 12.10 7.54
N TYR A 281 -20.98 12.41 7.85
CA TYR A 281 -20.58 13.78 8.09
C TYR A 281 -19.22 14.10 7.49
N LEU A 282 -18.99 15.38 7.20
CA LEU A 282 -17.69 15.83 6.74
C LEU A 282 -16.82 16.21 7.92
N ARG A 283 -15.64 15.62 8.01
CA ARG A 283 -14.65 16.10 8.95
C ARG A 283 -14.10 17.43 8.41
N PRO A 284 -13.52 18.23 9.28
CA PRO A 284 -13.02 19.57 8.89
C PRO A 284 -11.90 19.45 7.88
N VAL A 285 -11.56 20.56 7.23
CA VAL A 285 -10.44 20.59 6.31
C VAL A 285 -9.14 20.33 7.07
N SER A 286 -8.12 19.89 6.36
CA SER A 286 -6.77 19.86 6.92
C SER A 286 -5.81 20.35 5.85
N THR A 287 -4.71 20.94 6.29
CA THR A 287 -3.66 21.37 5.39
C THR A 287 -3.12 20.16 4.63
N ALA A 288 -2.91 19.05 5.35
CA ALA A 288 -2.40 17.83 4.74
C ALA A 288 -3.31 17.33 3.62
N ALA A 289 -4.62 17.27 3.86
CA ALA A 289 -5.56 16.87 2.81
C ALA A 289 -5.52 17.80 1.61
N THR A 290 -5.50 19.10 1.89
CA THR A 290 -5.42 20.11 0.85
C THR A 290 -4.22 19.93 -0.06
N LEU A 291 -3.09 19.55 0.55
CA LEU A 291 -1.84 19.37 -0.17
C LEU A 291 -1.77 18.00 -0.90
N ASN A 292 -2.31 16.95 -0.28
CA ASN A 292 -2.51 15.68 -0.95
C ASN A 292 -3.29 15.90 -2.24
N PHE A 293 -4.34 16.71 -2.12
CA PHE A 293 -5.21 17.11 -3.22
C PHE A 293 -4.40 17.88 -4.27
N ALA A 294 -3.63 18.86 -3.84
CA ALA A 294 -2.85 19.66 -4.79
C ALA A 294 -1.83 18.81 -5.53
N ALA A 295 -1.18 17.90 -4.80
CA ALA A 295 -0.15 17.04 -5.39
C ALA A 295 -0.74 16.13 -6.44
N THR A 296 -1.82 15.43 -6.10
CA THR A 296 -2.38 14.40 -7.00
C THR A 296 -3.14 14.98 -8.17
N LEU A 297 -3.83 16.11 -7.98
CA LEU A 297 -4.52 16.71 -9.10
C LEU A 297 -3.50 17.29 -10.08
N ALA A 298 -2.34 17.71 -9.56
CA ALA A 298 -1.29 18.24 -10.41
C ALA A 298 -0.69 17.12 -11.27
N GLN A 299 -0.51 15.97 -10.65
CA GLN A 299 -0.05 14.76 -11.33
C GLN A 299 -1.10 14.30 -12.33
N SER A 300 -2.34 14.25 -11.88
CA SER A 300 -3.45 13.92 -12.72
C SER A 300 -3.47 14.82 -13.96
N ALA A 301 -3.25 16.11 -13.78
CA ALA A 301 -3.35 17.08 -14.87
C ALA A 301 -2.34 16.83 -15.98
N ARG A 302 -1.09 16.51 -15.64
CA ARG A 302 -0.10 16.24 -16.67
C ARG A 302 -0.33 14.90 -17.37
N LEU A 303 -0.86 13.91 -16.64
CA LEU A 303 -1.11 12.60 -17.24
C LEU A 303 -2.38 12.53 -18.13
N TRP A 304 -3.36 13.37 -17.86
CA TRP A 304 -4.59 13.39 -18.65
C TRP A 304 -4.57 14.45 -19.75
N LYS A 305 -3.50 15.24 -19.79
CA LYS A 305 -3.47 16.47 -20.58
C LYS A 305 -3.84 16.27 -22.06
N ASP A 306 -3.53 15.10 -22.62
CA ASP A 306 -3.85 14.79 -24.01
C ASP A 306 -5.07 13.89 -24.17
N TYR A 307 -5.33 13.04 -23.18
CA TYR A 307 -6.49 12.15 -23.24
C TYR A 307 -7.78 12.90 -23.02
N ASP A 308 -7.79 13.80 -22.03
CA ASP A 308 -8.97 14.58 -21.69
C ASP A 308 -8.53 15.95 -21.23
N PRO A 309 -8.28 16.85 -22.18
CA PRO A 309 -7.79 18.21 -21.87
C PRO A 309 -8.67 18.98 -20.88
N THR A 310 -9.98 18.90 -21.04
CA THR A 310 -10.92 19.57 -20.15
C THR A 310 -10.76 19.11 -18.71
N PHE A 311 -10.76 17.81 -18.50
CA PHE A 311 -10.58 17.25 -17.17
C PHE A 311 -9.22 17.68 -16.62
N ALA A 312 -8.19 17.61 -17.46
CA ALA A 312 -6.83 17.92 -17.06
C ALA A 312 -6.68 19.38 -16.65
N ALA A 313 -7.23 20.28 -17.45
CA ALA A 313 -7.18 21.71 -17.13
C ALA A 313 -7.90 21.99 -15.81
N ASP A 314 -9.03 21.32 -15.58
CA ASP A 314 -9.76 21.50 -14.33
C ASP A 314 -8.97 20.94 -13.14
N CYS A 315 -8.33 19.79 -13.32
CA CYS A 315 -7.42 19.25 -12.29
C CYS A 315 -6.36 20.28 -11.90
N LEU A 316 -5.74 20.92 -12.89
CA LEU A 316 -4.66 21.85 -12.60
C LEU A 316 -5.18 23.10 -11.91
N GLU A 317 -6.26 23.66 -12.45
CA GLU A 317 -6.86 24.85 -11.88
C GLU A 317 -7.23 24.63 -10.40
N LYS A 318 -7.82 23.49 -10.08
CA LYS A 318 -8.22 23.22 -8.71
C LYS A 318 -7.01 22.96 -7.82
N ALA A 319 -5.97 22.32 -8.36
CA ALA A 319 -4.74 22.07 -7.64
C ALA A 319 -4.03 23.38 -7.22
N GLU A 320 -3.93 24.33 -8.14
CA GLU A 320 -3.26 25.59 -7.82
C GLU A 320 -4.07 26.42 -6.81
N ILE A 321 -5.39 26.34 -6.89
CA ILE A 321 -6.26 26.95 -5.88
C ILE A 321 -6.03 26.33 -4.50
N ALA A 322 -5.86 25.02 -4.46
CA ALA A 322 -5.63 24.30 -3.22
C ALA A 322 -4.28 24.69 -2.62
N TRP A 323 -3.28 24.85 -3.47
CA TRP A 323 -1.93 25.22 -3.05
C TRP A 323 -1.92 26.59 -2.39
N GLN A 324 -2.60 27.55 -3.00
CA GLN A 324 -2.66 28.91 -2.47
C GLN A 324 -3.42 28.97 -1.15
N ALA A 325 -4.49 28.17 -1.03
CA ALA A 325 -5.26 28.11 0.21
C ALA A 325 -4.42 27.49 1.32
N ALA A 326 -3.68 26.44 0.99
CA ALA A 326 -2.82 25.78 1.98
C ALA A 326 -1.80 26.76 2.52
N LEU A 327 -1.25 27.63 1.66
CA LEU A 327 -0.24 28.60 2.04
C LEU A 327 -0.79 29.63 3.03
N LYS A 328 -2.08 29.93 2.92
CA LYS A 328 -2.73 30.86 3.84
C LYS A 328 -3.26 30.15 5.08
N HIS A 329 -3.30 28.81 5.05
CA HIS A 329 -3.77 28.01 6.17
C HIS A 329 -2.86 26.79 6.41
N PRO A 330 -1.59 27.04 6.73
CA PRO A 330 -0.58 25.98 6.83
C PRO A 330 -0.61 25.12 8.08
N ASP A 331 -1.38 25.53 9.11
CA ASP A 331 -1.38 24.87 10.42
C ASP A 331 -2.73 24.28 10.85
N ILE A 332 -3.53 23.82 9.91
CA ILE A 332 -4.77 23.15 10.28
C ILE A 332 -4.53 21.65 10.20
N TYR A 333 -4.42 21.02 11.36
CA TYR A 333 -4.08 19.60 11.43
C TYR A 333 -5.31 18.77 11.67
N ALA A 334 -5.33 17.57 11.12
CA ALA A 334 -6.29 16.56 11.55
C ALA A 334 -5.77 16.07 12.87
N GLU A 335 -6.60 16.17 13.91
CA GLU A 335 -6.18 15.83 15.26
C GLU A 335 -6.49 14.36 15.57
N TYR A 336 -5.80 13.82 16.58
CA TYR A 336 -6.05 12.46 17.01
C TYR A 336 -7.45 12.38 17.61
N THR A 337 -8.19 11.33 17.25
CA THR A 337 -9.43 11.03 17.93
C THR A 337 -9.45 9.55 18.28
N PRO A 338 -10.05 9.23 19.42
CA PRO A 338 -10.04 7.85 19.92
C PRO A 338 -10.89 6.91 19.06
N GLY A 339 -10.48 5.66 18.99
CA GLY A 339 -11.16 4.68 18.16
C GLY A 339 -12.42 4.10 18.77
N SER A 340 -12.75 4.47 20.00
CA SER A 340 -13.89 3.88 20.70
C SER A 340 -14.79 4.95 21.31
N GLY A 341 -16.05 4.94 20.89
CA GLY A 341 -16.99 5.98 21.31
C GLY A 341 -16.80 7.26 20.53
N GLY A 342 -15.85 7.28 19.62
CA GLY A 342 -15.54 8.50 18.88
C GLY A 342 -16.03 8.47 17.45
N PRO A 343 -15.58 9.47 16.68
CA PRO A 343 -15.90 9.56 15.26
C PRO A 343 -15.63 8.23 14.56
N GLY A 344 -16.58 7.78 13.74
CA GLY A 344 -16.56 6.44 13.17
C GLY A 344 -15.67 6.25 11.95
N GLY A 345 -14.45 6.76 12.03
CA GLY A 345 -13.45 6.60 10.99
C GLY A 345 -12.06 6.92 11.54
N GLY A 346 -11.03 6.34 10.93
CA GLY A 346 -9.66 6.56 11.36
C GLY A 346 -9.29 8.04 11.31
N PRO A 347 -8.53 8.51 12.31
CA PRO A 347 -8.18 9.92 12.40
C PRO A 347 -7.19 10.41 11.33
N TYR A 348 -6.29 9.55 10.90
CA TYR A 348 -5.16 9.94 10.03
C TYR A 348 -4.58 11.31 10.42
N ASN A 349 -4.27 11.42 11.71
CA ASN A 349 -3.74 12.65 12.29
C ASN A 349 -2.26 12.82 12.00
N ASP A 350 -1.85 14.07 11.86
CA ASP A 350 -0.47 14.42 11.51
C ASP A 350 -0.32 15.90 11.84
N ASP A 351 0.71 16.25 12.62
CA ASP A 351 0.91 17.63 13.00
C ASP A 351 2.11 18.28 12.33
N TYR A 352 2.54 17.71 11.21
CA TYR A 352 3.61 18.30 10.43
C TYR A 352 3.30 18.17 8.94
N VAL A 353 3.37 19.28 8.22
CA VAL A 353 3.00 19.28 6.80
C VAL A 353 4.08 19.88 5.90
N GLY A 354 5.28 20.06 6.44
CA GLY A 354 6.38 20.52 5.62
C GLY A 354 6.66 19.55 4.47
N ASP A 355 6.42 18.26 4.70
CA ASP A 355 6.64 17.26 3.65
C ASP A 355 5.57 17.32 2.57
N GLU A 356 4.31 17.50 2.96
CA GLU A 356 3.23 17.61 1.97
C GLU A 356 3.40 18.86 1.12
N PHE A 357 3.84 19.98 1.72
CA PHE A 357 4.11 21.20 0.98
C PHE A 357 5.17 20.91 -0.08
N TYR A 358 6.24 20.22 0.30
CA TYR A 358 7.31 19.89 -0.64
C TYR A 358 6.80 18.96 -1.74
N TRP A 359 6.05 17.95 -1.36
CA TRP A 359 5.48 17.00 -2.31
C TRP A 359 4.60 17.72 -3.33
N ALA A 360 3.67 18.54 -2.84
CA ALA A 360 2.78 19.30 -3.72
C ALA A 360 3.59 20.21 -4.67
N ALA A 361 4.59 20.89 -4.12
CA ALA A 361 5.42 21.78 -4.91
C ALA A 361 6.13 21.00 -6.02
N CYS A 362 6.58 19.78 -5.72
CA CYS A 362 7.23 18.95 -6.71
C CYS A 362 6.30 18.61 -7.88
N GLU A 363 5.10 18.16 -7.56
CA GLU A 363 4.14 17.77 -8.59
C GLU A 363 3.74 18.98 -9.41
N LEU A 364 3.46 20.09 -8.74
CA LEU A 364 3.11 21.33 -9.43
C LEU A 364 4.22 21.90 -10.31
N TYR A 365 5.47 21.79 -9.88
CA TYR A 365 6.59 22.26 -10.68
C TYR A 365 6.80 21.39 -11.92
N VAL A 366 6.65 20.08 -11.77
CA VAL A 366 6.86 19.18 -12.88
C VAL A 366 5.73 19.35 -13.90
N THR A 367 4.52 19.58 -13.42
CA THR A 367 3.38 19.79 -14.30
C THR A 367 3.40 21.16 -15.00
N THR A 368 3.70 22.23 -14.27
CA THR A 368 3.60 23.61 -14.80
C THR A 368 4.94 24.26 -15.15
N GLY A 369 6.01 23.88 -14.44
CA GLY A 369 7.32 24.45 -14.68
C GLY A 369 7.46 25.85 -14.13
N LYS A 370 6.54 26.26 -13.25
CA LYS A 370 6.51 27.62 -12.75
C LYS A 370 7.50 27.88 -11.63
N ASP A 371 8.12 29.06 -11.64
CA ASP A 371 9.14 29.44 -10.67
C ASP A 371 8.69 29.31 -9.22
N GLU A 372 7.45 29.71 -8.92
CA GLU A 372 7.00 29.71 -7.53
C GLU A 372 7.13 28.33 -6.88
N TYR A 373 6.84 27.27 -7.65
CA TYR A 373 6.97 25.91 -7.15
C TYR A 373 8.43 25.50 -7.06
N LYS A 374 9.18 25.80 -8.11
CA LYS A 374 10.62 25.54 -8.11
C LYS A 374 11.29 26.17 -6.90
N ASN A 375 10.98 27.43 -6.63
CA ASN A 375 11.64 28.13 -5.53
C ASN A 375 11.24 27.51 -4.20
N TYR A 376 9.98 27.13 -4.07
CA TYR A 376 9.53 26.50 -2.83
C TYR A 376 10.28 25.19 -2.56
N LEU A 377 10.31 24.30 -3.54
CA LEU A 377 10.89 22.97 -3.35
C LEU A 377 12.40 22.99 -3.17
N MET A 378 13.08 23.88 -3.87
CA MET A 378 14.53 23.97 -3.75
C MET A 378 14.95 24.51 -2.38
N ASN A 379 14.08 25.27 -1.74
CA ASN A 379 14.37 25.84 -0.42
C ASN A 379 13.79 25.02 0.73
N SER A 380 13.11 23.93 0.40
CA SER A 380 12.61 23.02 1.40
C SER A 380 13.73 22.21 2.08
N PRO A 381 13.60 21.92 3.37
CA PRO A 381 14.55 21.01 4.03
C PRO A 381 14.49 19.58 3.45
N HIS A 382 13.43 19.24 2.72
CA HIS A 382 13.27 17.91 2.12
C HIS A 382 13.74 17.83 0.67
N TYR A 383 14.37 18.89 0.19
CA TYR A 383 14.74 18.95 -1.22
C TYR A 383 15.62 17.76 -1.58
N LEU A 384 15.12 16.93 -2.50
CA LEU A 384 15.87 15.79 -3.04
C LEU A 384 15.95 14.61 -2.06
N GLU A 385 15.22 14.69 -0.96
CA GLU A 385 15.36 13.75 0.15
C GLU A 385 14.70 12.40 -0.16
N MET A 386 15.39 11.31 0.18
CA MET A 386 14.79 9.98 0.19
C MET A 386 15.21 9.28 1.47
N PRO A 387 14.30 9.25 2.44
CA PRO A 387 14.57 8.61 3.74
C PRO A 387 14.79 7.11 3.58
N ALA A 388 15.79 6.58 4.28
CA ALA A 388 15.94 5.13 4.44
C ALA A 388 15.21 4.70 5.71
N LYS A 389 15.15 5.62 6.67
CA LYS A 389 14.45 5.44 7.91
C LYS A 389 13.87 6.80 8.24
N MET A 390 12.62 6.85 8.66
CA MET A 390 11.95 8.14 8.77
C MET A 390 12.21 8.79 10.11
N GLY A 391 12.11 10.12 10.13
CA GLY A 391 12.35 10.89 11.33
C GLY A 391 10.73 11.96 11.22
N ALA A 396 10.02 12.36 10.13
CA ALA A 396 8.12 13.11 9.66
C ALA A 396 6.99 12.98 10.56
N ASN A 397 5.84 12.39 10.19
CA ASN A 397 4.74 12.22 11.14
C ASN A 397 5.27 11.57 12.39
N GLY A 398 4.83 12.05 13.56
CA GLY A 398 5.28 11.54 14.84
C GLY A 398 5.33 10.03 14.88
N GLU A 399 4.23 9.39 14.48
CA GLU A 399 4.17 7.92 14.51
C GLU A 399 5.22 7.24 13.63
N ASP A 400 5.72 7.94 12.61
CA ASP A 400 6.73 7.37 11.71
C ASP A 400 8.18 7.58 12.17
N ASN A 401 8.38 8.35 13.24
CA ASN A 401 9.73 8.61 13.72
C ASN A 401 10.46 7.33 14.13
N GLY A 402 11.60 7.08 13.50
CA GLY A 402 12.39 5.91 13.78
C GLY A 402 11.91 4.64 13.08
N LEU A 403 10.96 4.78 12.17
CA LEU A 403 10.43 3.64 11.42
C LEU A 403 11.23 3.46 10.13
N TRP A 404 11.64 2.23 9.87
CA TRP A 404 12.37 1.92 8.65
C TRP A 404 11.41 2.03 7.47
N GLY A 405 11.90 2.68 6.42
CA GLY A 405 11.08 2.93 5.24
C GLY A 405 11.34 4.32 4.69
N CYS A 406 10.69 4.62 3.56
CA CYS A 406 10.96 5.81 2.77
C CYS A 406 9.81 6.82 2.83
N PHE A 407 8.58 6.33 2.82
CA PHE A 407 7.41 7.22 2.94
C PHE A 407 6.18 6.46 3.40
N THR A 408 5.22 7.21 3.93
CA THR A 408 3.89 6.71 4.29
C THR A 408 2.84 7.76 3.89
N TRP A 409 1.59 7.48 4.22
CA TRP A 409 0.49 8.41 3.98
C TRP A 409 0.72 9.80 4.57
N GLY A 410 1.44 9.87 5.70
CA GLY A 410 1.67 11.14 6.40
C GLY A 410 3.11 11.65 6.40
N THR A 411 4.05 10.84 5.92
CA THR A 411 5.45 11.23 5.74
C THR A 411 5.77 11.12 4.25
N THR A 412 5.52 12.20 3.53
CA THR A 412 5.33 12.12 2.08
C THR A 412 6.44 12.72 1.21
N GLN A 413 7.53 13.20 1.82
CA GLN A 413 8.54 13.92 1.04
C GLN A 413 9.14 13.06 -0.09
N GLY A 414 9.30 11.77 0.17
CA GLY A 414 9.85 10.86 -0.82
C GLY A 414 9.04 10.73 -2.09
N LEU A 415 7.74 10.98 -2.01
CA LEU A 415 6.89 10.98 -3.18
C LEU A 415 7.28 12.10 -4.14
N GLY A 416 7.56 13.27 -3.58
CA GLY A 416 7.96 14.40 -4.40
C GLY A 416 9.30 14.11 -5.05
N THR A 417 10.21 13.53 -4.27
CA THR A 417 11.55 13.22 -4.75
C THR A 417 11.56 12.23 -5.89
N ILE A 418 10.70 11.21 -5.80
CA ILE A 418 10.53 10.27 -6.90
C ILE A 418 10.11 10.99 -8.18
N THR A 419 9.10 11.84 -8.08
CA THR A 419 8.63 12.59 -9.24
C THR A 419 9.78 13.42 -9.85
N LEU A 420 10.59 14.05 -9.00
CA LEU A 420 11.71 14.85 -9.49
C LEU A 420 12.77 13.98 -10.17
N ALA A 421 12.96 12.76 -9.66
CA ALA A 421 14.00 11.86 -10.19
C ALA A 421 13.55 11.16 -11.46
N LEU A 422 12.25 11.01 -11.62
CA LEU A 422 11.68 10.26 -12.73
C LEU A 422 11.32 11.13 -13.91
N VAL A 423 10.54 12.18 -13.66
CA VAL A 423 9.93 12.97 -14.72
C VAL A 423 10.81 14.14 -15.11
N GLU A 424 10.97 14.34 -16.41
CA GLU A 424 11.81 15.40 -16.94
C GLU A 424 11.34 16.74 -16.40
N ASN A 425 12.28 17.58 -15.99
CA ASN A 425 11.94 18.86 -15.39
C ASN A 425 13.11 19.82 -15.44
N GLY A 426 12.88 21.07 -15.08
CA GLY A 426 13.88 22.12 -15.27
C GLY A 426 14.88 22.33 -14.16
N LEU A 427 14.95 21.43 -13.19
CA LEU A 427 15.95 21.53 -12.14
C LEU A 427 17.35 21.30 -12.73
N PRO A 428 18.39 21.74 -12.03
CA PRO A 428 19.77 21.48 -12.47
C PRO A 428 20.01 19.98 -12.63
N ALA A 429 20.66 19.59 -13.72
CA ALA A 429 20.92 18.17 -13.98
C ALA A 429 21.54 17.50 -12.76
N THR A 430 22.48 18.19 -12.12
CA THR A 430 23.15 17.61 -10.97
C THR A 430 22.22 17.35 -9.77
N ASP A 431 21.21 18.19 -9.58
CA ASP A 431 20.23 18.00 -8.52
C ASP A 431 19.41 16.74 -8.78
N ILE A 432 18.96 16.57 -10.03
CA ILE A 432 18.21 15.38 -10.40
C ILE A 432 19.08 14.14 -10.16
N GLN A 433 20.36 14.22 -10.52
CA GLN A 433 21.28 13.12 -10.26
C GLN A 433 21.40 12.83 -8.75
N LYS A 434 21.43 13.89 -7.95
CA LYS A 434 21.45 13.77 -6.49
C LYS A 434 20.24 13.00 -5.97
N ALA A 435 19.05 13.36 -6.46
CA ALA A 435 17.83 12.66 -6.09
C ALA A 435 17.94 11.16 -6.42
N ARG A 436 18.43 10.86 -7.62
CA ARG A 436 18.60 9.46 -8.05
C ARG A 436 19.64 8.73 -7.19
N ASN A 437 20.70 9.44 -6.81
CA ASN A 437 21.74 8.89 -5.93
C ASN A 437 21.23 8.65 -4.51
N ASN A 438 20.39 9.54 -4.02
CA ASN A 438 19.72 9.39 -2.73
C ASN A 438 18.78 8.19 -2.69
N ILE A 439 18.14 7.90 -3.82
CA ILE A 439 17.28 6.74 -3.98
C ILE A 439 18.09 5.43 -3.92
N ALA A 440 19.21 5.39 -4.64
CA ALA A 440 20.12 4.25 -4.58
C ALA A 440 20.70 4.08 -3.16
N LYS A 441 21.05 5.20 -2.53
CA LYS A 441 21.61 5.18 -1.18
C LYS A 441 20.64 4.58 -0.18
N ALA A 442 19.37 4.99 -0.26
CA ALA A 442 18.35 4.44 0.62
C ALA A 442 18.17 2.95 0.36
N ALA A 443 18.05 2.58 -0.91
CA ALA A 443 17.90 1.17 -1.29
C ALA A 443 19.05 0.33 -0.73
N ASP A 444 20.28 0.83 -0.84
CA ASP A 444 21.47 0.14 -0.32
C ASP A 444 21.33 -0.18 1.17
N ARG A 445 20.88 0.79 1.96
CA ARG A 445 20.65 0.55 3.38
C ARG A 445 19.70 -0.64 3.59
N TRP A 446 18.63 -0.69 2.80
CA TRP A 446 17.64 -1.75 2.92
C TRP A 446 18.19 -3.11 2.48
N LEU A 447 19.11 -3.11 1.52
CA LEU A 447 19.76 -4.34 1.08
C LEU A 447 20.60 -4.92 2.23
N GLU A 448 21.23 -4.04 2.99
CA GLU A 448 21.96 -4.43 4.19
C GLU A 448 21.02 -4.97 5.27
N ASN A 449 19.88 -4.30 5.49
CA ASN A 449 18.86 -4.82 6.40
C ASN A 449 18.47 -6.26 6.04
N ILE A 450 18.27 -6.51 4.75
CA ILE A 450 17.93 -7.85 4.26
C ILE A 450 18.99 -8.89 4.66
N GLU A 451 20.27 -8.53 4.52
CA GLU A 451 21.36 -9.44 4.90
C GLU A 451 21.46 -9.61 6.42
N GLU A 452 20.91 -8.67 7.18
CA GLU A 452 20.95 -8.74 8.64
C GLU A 452 19.71 -9.44 9.21
N GLN A 453 18.81 -9.90 8.33
CA GLN A 453 17.55 -10.49 8.78
C GLN A 453 17.47 -11.98 8.46
N GLY A 454 17.14 -12.78 9.46
CA GLY A 454 16.90 -14.21 9.23
C GLY A 454 15.94 -14.46 8.07
N TYR A 455 14.85 -13.68 8.05
CA TYR A 455 13.82 -13.83 7.02
C TYR A 455 13.95 -12.80 5.87
N ARG A 456 15.10 -12.14 5.81
CA ARG A 456 15.51 -11.35 4.65
C ARG A 456 14.47 -10.33 4.19
N LEU A 457 14.01 -9.52 5.13
CA LEU A 457 13.08 -8.45 4.86
C LEU A 457 13.85 -7.13 5.02
N PRO A 458 13.45 -6.12 4.26
CA PRO A 458 14.14 -4.82 4.24
C PRO A 458 13.82 -3.84 5.38
N ILE A 459 12.93 -4.16 6.31
CA ILE A 459 12.78 -3.35 7.51
C ILE A 459 13.49 -4.01 8.68
N LYS A 460 13.71 -3.21 9.72
CA LYS A 460 14.13 -3.74 11.00
C LYS A 460 13.19 -3.15 12.03
N GLN A 461 13.32 -3.57 13.28
CA GLN A 461 12.44 -3.08 14.31
C GLN A 461 12.52 -1.57 14.40
N ALA A 462 11.40 -0.95 14.75
CA ALA A 462 11.31 0.50 14.93
C ALA A 462 12.31 1.00 15.97
N GLU A 463 12.97 2.11 15.66
CA GLU A 463 13.85 2.78 16.60
C GLU A 463 13.11 3.92 17.29
N ASP A 464 11.98 3.57 17.90
CA ASP A 464 11.20 4.50 18.69
C ASP A 464 10.91 3.83 20.01
N GLU A 465 10.03 4.42 20.81
CA GLU A 465 9.57 3.79 22.04
C GLU A 465 8.52 2.74 21.65
N ARG A 466 8.56 1.58 22.30
CA ARG A 466 7.69 0.46 21.92
C ARG A 466 8.43 -0.50 21.01
N GLY A 467 9.24 0.05 20.11
CA GLY A 467 10.06 -0.75 19.20
C GLY A 467 9.20 -1.69 18.37
N GLY A 468 9.72 -2.86 18.05
CA GLY A 468 8.96 -3.89 17.36
C GLY A 468 8.55 -3.51 15.95
N TYR A 469 7.43 -4.07 15.51
CA TYR A 469 6.90 -3.81 14.16
C TYR A 469 5.66 -2.93 14.27
N PRO A 470 5.58 -1.90 13.42
CA PRO A 470 4.46 -0.97 13.44
C PRO A 470 3.22 -1.50 12.75
N TRP A 471 2.08 -0.93 13.08
CA TRP A 471 0.83 -1.13 12.35
C TRP A 471 1.14 -1.07 10.84
N GLY A 472 0.63 -2.05 10.10
CA GLY A 472 0.84 -2.10 8.67
C GLY A 472 2.28 -2.31 8.25
N SER A 473 3.04 -3.06 9.05
CA SER A 473 4.46 -3.32 8.75
C SER A 473 4.71 -3.77 7.30
N ASN A 474 3.80 -4.56 6.72
CA ASN A 474 3.95 -5.03 5.33
C ASN A 474 4.01 -3.91 4.30
N SER A 475 3.29 -2.82 4.55
CA SER A 475 3.26 -1.70 3.63
C SER A 475 4.59 -0.95 3.61
N PHE A 476 5.34 -0.92 4.71
CA PHE A 476 6.67 -0.31 4.71
C PHE A 476 7.63 -1.03 3.77
N ILE A 477 7.58 -2.36 3.80
CA ILE A 477 8.35 -3.20 2.88
C ILE A 477 7.96 -2.93 1.42
N LEU A 478 6.66 -2.78 1.18
CA LEU A 478 6.16 -2.55 -0.16
C LEU A 478 6.65 -1.21 -0.71
N ASN A 479 6.58 -0.18 0.10
CA ASN A 479 7.05 1.12 -0.31
C ASN A 479 8.57 1.16 -0.51
N GLN A 480 9.31 0.42 0.31
CA GLN A 480 10.75 0.28 0.11
C GLN A 480 11.02 -0.36 -1.25
N MET A 481 10.23 -1.36 -1.62
CA MET A 481 10.43 -2.07 -2.88
C MET A 481 10.17 -1.18 -4.10
N ILE A 482 9.28 -0.20 -3.97
CA ILE A 482 9.08 0.77 -5.04
C ILE A 482 10.39 1.51 -5.30
N VAL A 483 11.00 1.99 -4.22
CA VAL A 483 12.22 2.75 -4.35
C VAL A 483 13.38 1.87 -4.84
N MET A 484 13.40 0.61 -4.45
CA MET A 484 14.36 -0.35 -4.99
C MET A 484 14.17 -0.48 -6.51
N GLY A 485 12.91 -0.46 -6.95
CA GLY A 485 12.60 -0.52 -8.37
C GLY A 485 13.18 0.68 -9.10
N TYR A 486 13.02 1.86 -8.49
CA TYR A 486 13.62 3.06 -9.04
C TYR A 486 15.16 2.97 -9.06
N ALA A 487 15.77 2.39 -8.02
CA ALA A 487 17.21 2.25 -7.98
C ALA A 487 17.68 1.34 -9.11
N TYR A 488 16.94 0.27 -9.37
CA TYR A 488 17.22 -0.61 -10.50
C TYR A 488 17.12 0.16 -11.82
N ASP A 489 16.05 0.94 -11.97
CA ASP A 489 15.86 1.76 -13.17
C ASP A 489 17.07 2.65 -13.43
N PHE A 490 17.52 3.36 -12.40
CA PHE A 490 18.53 4.39 -12.56
C PHE A 490 19.97 3.88 -12.69
N THR A 491 20.25 2.68 -12.17
CA THR A 491 21.61 2.15 -12.13
C THR A 491 21.79 0.92 -13.01
N GLY A 492 20.69 0.23 -13.29
CA GLY A 492 20.75 -1.02 -14.00
C GLY A 492 21.39 -2.13 -13.19
N ASP A 493 21.58 -1.91 -11.90
CA ASP A 493 22.23 -2.90 -11.03
C ASP A 493 21.20 -3.86 -10.47
N SER A 494 21.26 -5.11 -10.93
CA SER A 494 20.23 -6.11 -10.60
C SER A 494 20.13 -6.48 -9.12
N LYS A 495 21.12 -6.10 -8.31
CA LYS A 495 21.03 -6.28 -6.86
C LYS A 495 19.75 -5.64 -6.29
N TYR A 496 19.30 -4.54 -6.91
CA TYR A 496 18.09 -3.86 -6.47
C TYR A 496 16.84 -4.70 -6.81
N LEU A 497 16.85 -5.32 -7.98
CA LEU A 497 15.79 -6.25 -8.35
C LEU A 497 15.74 -7.43 -7.39
N ASP A 498 16.91 -7.96 -7.03
CA ASP A 498 16.99 -9.07 -6.08
C ASP A 498 16.43 -8.66 -4.71
N GLY A 499 16.61 -7.39 -4.33
CA GLY A 499 16.05 -6.86 -3.09
C GLY A 499 14.53 -6.91 -3.13
N MET A 500 13.96 -6.62 -4.29
CA MET A 500 12.51 -6.78 -4.44
C MET A 500 12.14 -8.25 -4.35
N PHE A 501 12.95 -9.14 -4.92
CA PHE A 501 12.66 -10.57 -4.87
C PHE A 501 12.64 -11.06 -3.41
N ASP A 502 13.56 -10.56 -2.60
CA ASP A 502 13.63 -10.94 -1.20
C ASP A 502 12.40 -10.42 -0.46
N GLY A 503 12.02 -9.18 -0.73
CA GLY A 503 10.89 -8.55 -0.06
C GLY A 503 9.58 -9.24 -0.38
N ILE A 504 9.35 -9.57 -1.64
CA ILE A 504 8.10 -10.22 -2.03
C ILE A 504 8.06 -11.66 -1.47
N SER A 505 9.22 -12.27 -1.33
CA SER A 505 9.29 -13.62 -0.76
C SER A 505 8.80 -13.62 0.67
N TYR A 506 9.28 -12.65 1.45
CA TYR A 506 8.82 -12.46 2.81
C TYR A 506 7.31 -12.32 2.83
N LEU A 507 6.77 -11.51 1.94
CA LEU A 507 5.33 -11.24 1.91
C LEU A 507 4.51 -12.45 1.48
N LEU A 508 5.12 -13.37 0.76
CA LEU A 508 4.40 -14.50 0.18
C LEU A 508 4.69 -15.80 0.93
N GLY A 509 5.22 -15.68 2.15
CA GLY A 509 5.29 -16.82 3.06
C GLY A 509 6.65 -17.19 3.63
N ARG A 510 7.71 -16.55 3.15
CA ARG A 510 9.03 -16.78 3.75
C ARG A 510 9.20 -15.89 4.97
N ASN A 511 8.51 -16.23 6.04
CA ASN A 511 8.48 -15.45 7.25
C ASN A 511 8.20 -16.33 8.45
N ALA A 512 8.28 -15.72 9.63
CA ALA A 512 8.17 -16.44 10.90
C ALA A 512 6.78 -17.01 11.14
N MET A 513 5.79 -16.61 10.33
CA MET A 513 4.43 -17.17 10.46
C MET A 513 4.11 -18.19 9.37
N ASP A 514 5.02 -18.35 8.42
CA ASP A 514 4.76 -19.13 7.22
C ASP A 514 3.42 -18.69 6.60
N GLN A 515 3.16 -17.39 6.67
CA GLN A 515 1.91 -16.83 6.21
C GLN A 515 2.12 -16.09 4.89
N SER A 516 1.35 -16.47 3.86
CA SER A 516 1.20 -15.61 2.72
C SER A 516 0.24 -14.49 3.13
N TYR A 517 0.70 -13.24 3.00
CA TYR A 517 -0.09 -12.12 3.47
C TYR A 517 -1.01 -11.59 2.38
N VAL A 518 -1.09 -12.35 1.29
CA VAL A 518 -1.89 -11.98 0.13
C VAL A 518 -3.06 -12.96 -0.01
N THR A 519 -4.29 -12.43 -0.09
CA THR A 519 -5.45 -13.27 -0.29
C THR A 519 -5.30 -14.06 -1.59
N GLY A 520 -5.74 -15.30 -1.59
CA GLY A 520 -5.83 -16.08 -2.82
C GLY A 520 -4.53 -16.59 -3.40
N TYR A 521 -3.42 -16.48 -2.65
CA TYR A 521 -2.12 -16.97 -3.10
C TYR A 521 -1.38 -17.65 -1.94
N GLY A 522 -0.72 -18.76 -2.24
CA GLY A 522 0.06 -19.49 -1.27
C GLY A 522 -0.68 -20.69 -0.73
N GLU A 523 0.04 -21.55 -0.02
CA GLU A 523 -0.58 -22.68 0.65
C GLU A 523 -1.24 -22.26 1.96
N ARG A 524 -0.76 -21.16 2.55
CA ARG A 524 -1.39 -20.55 3.73
C ARG A 524 -1.76 -19.13 3.37
N PRO A 525 -2.80 -18.99 2.54
CA PRO A 525 -3.18 -17.70 2.00
C PRO A 525 -3.82 -16.84 3.07
N LEU A 526 -3.88 -15.54 2.85
CA LEU A 526 -4.59 -14.68 3.78
C LEU A 526 -6.08 -14.86 3.56
N GLN A 527 -6.78 -15.30 4.59
CA GLN A 527 -8.18 -15.70 4.49
C GLN A 527 -9.15 -14.76 5.19
N ASN A 528 -8.73 -14.16 6.30
CA ASN A 528 -9.67 -13.47 7.19
C ASN A 528 -9.36 -12.01 7.47
N PRO A 529 -9.24 -11.21 6.42
CA PRO A 529 -8.95 -9.78 6.60
C PRO A 529 -10.08 -9.07 7.36
N HIS A 530 -9.72 -8.00 8.07
CA HIS A 530 -10.72 -7.16 8.71
C HIS A 530 -11.46 -6.35 7.65
N ASP A 531 -12.66 -6.81 7.30
CA ASP A 531 -13.47 -6.16 6.28
C ASP A 531 -14.95 -6.38 6.59
N ARG A 532 -15.76 -5.37 6.34
CA ARG A 532 -17.17 -5.43 6.69
C ARG A 532 -17.98 -6.41 5.82
N PHE A 533 -17.53 -6.62 4.59
CA PHE A 533 -18.23 -7.44 3.60
C PHE A 533 -17.61 -8.85 3.48
N TRP A 534 -16.31 -8.92 3.21
CA TRP A 534 -15.63 -10.18 2.95
C TRP A 534 -15.19 -10.87 4.23
N THR A 535 -16.15 -11.31 5.04
CA THR A 535 -15.83 -11.78 6.38
C THR A 535 -16.59 -13.05 6.81
N PRO A 536 -16.22 -14.19 6.20
CA PRO A 536 -16.78 -15.49 6.53
C PRO A 536 -16.78 -15.82 8.02
N GLN A 537 -15.77 -15.36 8.76
CA GLN A 537 -15.71 -15.60 10.20
C GLN A 537 -16.82 -14.89 11.00
N THR A 538 -17.33 -13.77 10.49
CA THR A 538 -18.48 -13.10 11.13
C THR A 538 -19.75 -13.93 10.89
N SER A 539 -19.90 -14.38 9.65
CA SER A 539 -20.97 -15.28 9.27
C SER A 539 -20.60 -15.89 7.92
N LYS A 540 -20.86 -17.19 7.77
CA LYS A 540 -20.51 -17.89 6.54
C LYS A 540 -21.37 -17.50 5.34
N ARG A 541 -22.39 -16.67 5.56
CA ARG A 541 -23.11 -16.08 4.43
C ARG A 541 -22.24 -15.08 3.65
N PHE A 542 -21.25 -14.50 4.32
CA PHE A 542 -20.34 -13.55 3.65
C PHE A 542 -19.21 -14.28 2.93
N PRO A 543 -18.76 -13.74 1.81
CA PRO A 543 -17.76 -14.41 0.97
C PRO A 543 -16.29 -14.20 1.38
N ALA A 544 -15.45 -15.18 1.07
CA ALA A 544 -14.01 -15.02 1.15
C ALA A 544 -13.61 -13.86 0.24
N PRO A 545 -12.57 -13.11 0.62
CA PRO A 545 -12.17 -11.92 -0.14
C PRO A 545 -11.62 -12.27 -1.51
N PRO A 546 -11.73 -11.35 -2.46
CA PRO A 546 -11.08 -11.52 -3.77
C PRO A 546 -9.56 -11.67 -3.60
N PRO A 547 -8.90 -12.30 -4.57
CA PRO A 547 -7.46 -12.51 -4.53
C PRO A 547 -6.62 -11.22 -4.75
N GLY A 548 -5.34 -11.30 -4.37
CA GLY A 548 -4.39 -10.22 -4.62
C GLY A 548 -4.52 -9.02 -3.70
N ILE A 549 -5.00 -9.27 -2.49
CA ILE A 549 -5.19 -8.21 -1.53
C ILE A 549 -4.27 -8.45 -0.34
N ILE A 550 -3.49 -7.44 0.03
CA ILE A 550 -2.44 -7.63 1.04
C ILE A 550 -2.83 -7.13 2.43
N SER A 551 -2.51 -7.96 3.42
CA SER A 551 -2.75 -7.63 4.81
C SER A 551 -1.67 -6.71 5.33
N GLY A 552 -2.03 -5.85 6.27
CA GLY A 552 -1.10 -4.97 6.93
C GLY A 552 0.03 -5.70 7.64
N GLY A 553 -0.25 -6.87 8.20
CA GLY A 553 0.76 -7.72 8.79
C GLY A 553 1.10 -7.44 10.26
N PRO A 554 2.14 -8.12 10.71
CA PRO A 554 2.57 -8.07 12.12
C PRO A 554 2.60 -6.66 12.69
N ASN A 555 2.09 -6.52 13.90
CA ASN A 555 2.08 -5.26 14.62
C ASN A 555 2.20 -5.61 16.10
N SER A 556 3.38 -5.37 16.66
CA SER A 556 3.70 -5.80 18.03
C SER A 556 3.32 -4.79 19.10
N ARG A 557 2.48 -3.82 18.78
CA ARG A 557 2.05 -2.82 19.74
C ARG A 557 0.77 -3.27 20.46
N PHE A 558 0.23 -4.42 20.06
CA PHE A 558 -0.94 -5.01 20.70
C PHE A 558 -2.13 -4.05 20.69
N GLU A 559 -2.59 -3.69 19.50
CA GLU A 559 -3.52 -2.57 19.33
C GLU A 559 -4.96 -2.97 18.96
N ASP A 560 -5.30 -4.22 19.20
CA ASP A 560 -6.70 -4.63 19.21
C ASP A 560 -6.89 -5.79 20.18
N PRO A 561 -8.09 -5.97 20.70
CA PRO A 561 -8.37 -7.03 21.68
C PRO A 561 -8.08 -8.44 21.17
N THR A 562 -8.27 -8.68 19.87
CA THR A 562 -8.12 -10.03 19.34
C THR A 562 -6.67 -10.51 19.41
N ILE A 563 -5.75 -9.72 18.88
CA ILE A 563 -4.33 -10.07 18.96
C ILE A 563 -3.86 -10.11 20.41
N ASN A 564 -4.40 -9.22 21.24
CA ASN A 564 -4.10 -9.21 22.67
C ASN A 564 -4.43 -10.53 23.37
N ALA A 565 -5.54 -11.14 22.96
CA ALA A 565 -5.97 -12.40 23.55
C ALA A 565 -5.33 -13.61 22.86
N ALA A 566 -4.85 -13.44 21.63
CA ALA A 566 -4.35 -14.56 20.83
C ALA A 566 -2.89 -14.92 21.09
N VAL A 567 -2.06 -13.93 21.41
CA VAL A 567 -0.64 -14.18 21.62
C VAL A 567 -0.13 -13.50 22.88
N LYS A 568 0.89 -14.09 23.49
CA LYS A 568 1.48 -13.53 24.70
C LYS A 568 2.17 -12.20 24.42
N LYS A 569 2.36 -11.40 25.48
CA LYS A 569 2.94 -10.08 25.37
C LYS A 569 4.41 -10.07 24.96
N ASP A 570 5.11 -11.17 25.24
CA ASP A 570 6.52 -11.26 24.86
C ASP A 570 6.73 -11.95 23.50
N THR A 571 5.65 -12.10 22.73
CA THR A 571 5.74 -12.65 21.38
C THR A 571 6.69 -11.82 20.51
N PRO A 572 7.63 -12.49 19.81
CA PRO A 572 8.54 -11.78 18.91
C PRO A 572 7.74 -10.98 17.87
N PRO A 573 8.22 -9.78 17.55
CA PRO A 573 7.49 -8.84 16.68
C PRO A 573 7.02 -9.41 15.34
N GLN A 574 7.85 -10.21 14.68
CA GLN A 574 7.49 -10.79 13.39
C GLN A 574 6.39 -11.86 13.53
N LYS A 575 6.09 -12.29 14.76
CA LYS A 575 5.00 -13.24 15.01
C LYS A 575 3.76 -12.61 15.65
N CYS A 576 3.76 -11.28 15.77
CA CYS A 576 2.62 -10.57 16.37
C CYS A 576 1.57 -10.31 15.30
N PHE A 577 0.94 -11.40 14.86
CA PHE A 577 -0.04 -11.38 13.80
C PHE A 577 -1.04 -12.52 14.01
N ILE A 578 -2.28 -12.30 13.61
CA ILE A 578 -3.26 -13.37 13.53
C ILE A 578 -4.19 -13.13 12.34
N ASP A 579 -4.39 -14.18 11.55
CA ASP A 579 -5.28 -14.11 10.41
C ASP A 579 -6.71 -14.29 10.92
N HIS A 580 -7.21 -13.24 11.56
CA HIS A 580 -8.53 -13.25 12.12
C HIS A 580 -9.22 -11.94 11.74
N THR A 581 -10.50 -12.04 11.40
CA THR A 581 -11.24 -10.91 10.90
C THR A 581 -11.36 -9.76 11.89
N ASP A 582 -11.38 -10.05 13.19
CA ASP A 582 -11.51 -8.99 14.19
C ASP A 582 -10.19 -8.28 14.52
N SER A 583 -9.05 -8.81 14.05
CA SER A 583 -7.77 -8.16 14.33
C SER A 583 -7.47 -7.03 13.36
N TRP A 584 -8.02 -5.85 13.62
CA TRP A 584 -7.80 -4.71 12.74
C TRP A 584 -6.38 -4.15 12.79
N SER A 585 -5.71 -4.28 13.93
CA SER A 585 -4.36 -3.73 14.08
C SER A 585 -3.27 -4.58 13.40
N THR A 586 -3.65 -5.80 13.04
CA THR A 586 -2.74 -6.79 12.51
C THR A 586 -3.15 -7.30 11.11
N ASN A 587 -4.41 -7.12 10.73
CA ASN A 587 -4.96 -7.85 9.58
C ASN A 587 -5.99 -7.06 8.78
N GLU A 588 -5.81 -5.75 8.71
CA GLU A 588 -6.68 -4.95 7.86
C GLU A 588 -6.15 -4.93 6.42
N ILE A 589 -6.98 -4.42 5.51
CA ILE A 589 -6.61 -4.21 4.11
C ILE A 589 -7.00 -2.78 3.75
N THR A 590 -6.22 -2.11 2.89
CA THR A 590 -6.42 -0.69 2.61
C THR A 590 -6.04 -0.27 1.20
N VAL A 591 -6.52 0.90 0.79
CA VAL A 591 -6.08 1.51 -0.47
C VAL A 591 -4.58 1.83 -0.45
N ASN A 592 -4.04 2.28 0.69
CA ASN A 592 -2.62 2.65 0.73
C ASN A 592 -1.65 1.47 0.91
N TRP A 593 -2.20 0.27 1.12
CA TRP A 593 -1.39 -0.95 1.12
C TRP A 593 -1.55 -1.69 -0.19
N ASN A 594 -2.75 -1.73 -0.75
CA ASN A 594 -2.88 -2.38 -2.04
C ASN A 594 -2.30 -1.58 -3.20
N ALA A 595 -2.18 -0.27 -3.04
CA ALA A 595 -1.65 0.58 -4.12
C ALA A 595 -0.18 0.25 -4.44
N PRO A 596 0.70 0.30 -3.43
CA PRO A 596 2.09 -0.14 -3.62
C PRO A 596 2.23 -1.64 -3.90
N PHE A 597 1.29 -2.46 -3.44
CA PHE A 597 1.26 -3.88 -3.83
C PHE A 597 1.02 -4.04 -5.35
N ALA A 598 0.11 -3.24 -5.90
CA ALA A 598 -0.12 -3.23 -7.33
C ALA A 598 1.13 -2.71 -8.07
N TRP A 599 1.75 -1.68 -7.50
CA TRP A 599 2.92 -1.08 -8.10
C TRP A 599 4.00 -2.15 -8.25
N VAL A 600 4.26 -2.83 -7.14
CA VAL A 600 5.35 -3.78 -7.04
C VAL A 600 5.11 -5.03 -7.89
N THR A 601 3.89 -5.58 -7.88
CA THR A 601 3.59 -6.78 -8.67
C THR A 601 3.66 -6.50 -10.17
N ALA A 602 3.19 -5.33 -10.60
CA ALA A 602 3.27 -4.96 -12.00
C ALA A 602 4.75 -4.84 -12.39
N TYR A 603 5.54 -4.29 -11.48
CA TYR A 603 6.98 -4.11 -11.71
C TYR A 603 7.68 -5.46 -11.87
N LEU A 604 7.40 -6.39 -10.98
CA LEU A 604 8.01 -7.72 -11.06
C LEU A 604 7.59 -8.44 -12.33
N ASP A 605 6.32 -8.32 -12.72
CA ASP A 605 5.86 -9.00 -13.92
C ASP A 605 6.50 -8.41 -15.17
N GLN A 606 6.74 -7.11 -15.13
CA GLN A 606 7.42 -6.41 -16.22
C GLN A 606 8.86 -6.92 -16.31
N TYR A 607 9.52 -7.05 -15.16
CA TYR A 607 10.84 -7.65 -15.14
C TYR A 607 10.81 -9.06 -15.74
N THR A 608 9.80 -9.85 -15.39
CA THR A 608 9.68 -11.21 -15.93
C THR A 608 9.73 -11.22 -17.46
N ASP A 609 9.01 -10.29 -18.08
CA ASP A 609 9.08 -10.08 -19.51
C ASP A 609 10.31 -9.24 -19.86
#